data_4XBD
#
_entry.id   4XBD
#
_cell.length_a   37.466
_cell.length_b   66.907
_cell.length_c   126.404
_cell.angle_alpha   90.000
_cell.angle_beta   90.000
_cell.angle_gamma   90.000
#
_symmetry.space_group_name_H-M   'P 21 21 21'
#
loop_
_entity.id
_entity.type
_entity.pdbx_description
1 polymer '3C-LIKE PROTEASE'
2 non-polymer '(1R,2S)-2-({N-[(benzyloxy)carbonyl]-3-cyclohexyl-L-alanyl}amino)-1-hydroxy-3-[(3S)-2-oxopyrrolidin-3-yl]propane-1-sulfonic acid'
3 water water
#
_entity_poly.entity_id   1
_entity_poly.type   'polypeptide(L)'
_entity_poly.pdbx_seq_one_letter_code
;HHHHHHMAPPTLWSRVTKFGSGWGFWVSPTVFITTTHVVPTGVKEFFGEPLSSIAIHQAGEFTQFRFSKKMRPDLTGMVL
EEGCPEGTVCSVLIKRDSGELLPLAVRMGAIASMRIQGRLVHGQSGMLLTGANAKGMDLGTIPGDCGAPYVHKRGNDWVV
CGVHAAATKSGNTVVCAVQAGEGETALE
;
_entity_poly.pdbx_strand_id   A,B
#
loop_
_chem_comp.id
_chem_comp.type
_chem_comp.name
_chem_comp.formula
M40 non-polymer '(1R,2S)-2-({N-[(benzyloxy)carbonyl]-3-cyclohexyl-L-alanyl}amino)-1-hydroxy-3-[(3S)-2-oxopyrrolidin-3-yl]propane-1-sulfonic acid' 'C24 H35 N3 O8 S'
#
# COMPACT_ATOMS: atom_id res chain seq x y z
N HIS A 6 19.92 3.97 -3.98
CA HIS A 6 18.87 3.06 -4.54
C HIS A 6 17.51 3.35 -3.93
N MET A 7 16.49 3.40 -4.77
CA MET A 7 15.14 3.81 -4.39
CA MET A 7 15.14 3.79 -4.36
C MET A 7 14.19 2.64 -4.62
N ALA A 8 13.48 2.23 -3.56
CA ALA A 8 12.57 1.11 -3.65
C ALA A 8 11.39 1.46 -4.56
N PRO A 9 11.12 0.68 -5.59
CA PRO A 9 10.02 1.02 -6.52
C PRO A 9 8.67 0.61 -5.96
N PRO A 10 7.58 1.10 -6.56
CA PRO A 10 6.23 0.75 -6.06
C PRO A 10 5.98 -0.73 -5.86
N THR A 11 6.35 -1.61 -6.81
CA THR A 11 6.08 -3.03 -6.68
CA THR A 11 5.99 -3.00 -6.60
C THR A 11 6.72 -3.58 -5.40
N LEU A 12 7.91 -3.08 -5.07
CA LEU A 12 8.62 -3.59 -3.90
C LEU A 12 7.87 -3.19 -2.62
N TRP A 13 7.42 -1.93 -2.55
CA TRP A 13 6.56 -1.51 -1.45
C TRP A 13 5.28 -2.34 -1.38
N SER A 14 4.72 -2.70 -2.53
CA SER A 14 3.47 -3.46 -2.54
C SER A 14 3.59 -4.83 -1.89
N ARG A 15 4.80 -5.32 -1.71
CA ARG A 15 5.03 -6.59 -1.04
C ARG A 15 4.91 -6.47 0.47
N VAL A 16 5.01 -5.25 1.00
CA VAL A 16 4.93 -5.02 2.46
C VAL A 16 3.46 -4.97 2.82
N THR A 17 3.04 -5.89 3.71
CA THR A 17 1.64 -6.24 3.90
C THR A 17 1.28 -6.22 5.37
N LYS A 18 0.18 -5.58 5.73
CA LYS A 18 -0.24 -5.56 7.13
C LYS A 18 -0.52 -6.99 7.58
N PHE A 19 -0.02 -7.35 8.75
CA PHE A 19 -0.14 -8.73 9.21
C PHE A 19 -0.06 -8.78 10.73
N GLY A 20 -1.10 -9.30 11.35
CA GLY A 20 -1.13 -9.39 12.80
C GLY A 20 -0.88 -8.04 13.42
N SER A 21 0.05 -8.00 14.38
CA SER A 21 0.40 -6.76 15.07
C SER A 21 1.53 -6.01 14.40
N GLY A 22 1.83 -6.35 13.16
CA GLY A 22 2.91 -5.72 12.43
C GLY A 22 2.71 -5.86 10.95
N TRP A 23 3.72 -6.36 10.26
CA TRP A 23 3.77 -6.43 8.81
C TRP A 23 4.43 -7.75 8.42
N GLY A 24 4.27 -8.12 7.16
CA GLY A 24 5.12 -9.13 6.53
C GLY A 24 5.42 -8.74 5.10
N PHE A 25 6.11 -9.62 4.38
CA PHE A 25 6.67 -9.31 3.08
C PHE A 25 6.55 -10.49 2.14
N TRP A 26 5.96 -10.24 0.97
CA TRP A 26 5.90 -11.25 -0.09
C TRP A 26 7.22 -11.30 -0.83
N VAL A 27 7.99 -12.36 -0.59
CA VAL A 27 9.24 -12.63 -1.29
C VAL A 27 8.95 -13.07 -2.71
N SER A 28 7.85 -13.77 -2.91
CA SER A 28 7.48 -14.33 -4.19
C SER A 28 5.97 -14.54 -4.21
N PRO A 29 5.39 -15.08 -5.28
CA PRO A 29 3.94 -15.28 -5.28
C PRO A 29 3.46 -16.17 -4.16
N THR A 30 4.30 -17.06 -3.62
CA THR A 30 3.90 -18.05 -2.64
C THR A 30 4.60 -17.93 -1.30
N VAL A 31 5.66 -17.12 -1.17
CA VAL A 31 6.47 -17.09 0.03
C VAL A 31 6.30 -15.75 0.73
N PHE A 32 5.92 -15.79 2.00
CA PHE A 32 5.65 -14.62 2.84
C PHE A 32 6.51 -14.75 4.08
N ILE A 33 7.20 -13.68 4.46
CA ILE A 33 8.05 -13.70 5.66
C ILE A 33 7.58 -12.62 6.65
N THR A 34 7.79 -12.88 7.93
CA THR A 34 7.42 -11.93 8.97
C THR A 34 8.20 -12.23 10.24
N THR A 35 8.03 -11.38 11.24
CA THR A 35 8.64 -11.56 12.56
C THR A 35 7.69 -12.37 13.44
N THR A 36 8.20 -13.43 14.07
CA THR A 36 7.33 -14.39 14.75
C THR A 36 6.36 -13.74 15.73
N HIS A 37 6.81 -12.78 16.53
CA HIS A 37 5.94 -12.26 17.59
C HIS A 37 4.75 -11.45 17.10
N VAL A 38 4.72 -11.04 15.82
CA VAL A 38 3.53 -10.35 15.30
C VAL A 38 2.51 -11.31 14.70
N VAL A 39 2.84 -12.59 14.57
CA VAL A 39 1.96 -13.54 13.87
C VAL A 39 0.76 -13.84 14.76
N PRO A 40 -0.47 -13.77 14.25
CA PRO A 40 -1.63 -14.17 15.05
C PRO A 40 -1.53 -15.65 15.43
N THR A 41 -1.91 -15.94 16.67
CA THR A 41 -1.89 -17.31 17.17
C THR A 41 -3.30 -17.81 17.32
N GLY A 42 -3.44 -19.14 17.32
CA GLY A 42 -4.74 -19.76 17.45
C GLY A 42 -5.66 -19.57 16.27
N VAL A 43 -5.11 -19.31 15.08
CA VAL A 43 -5.91 -19.19 13.87
C VAL A 43 -5.76 -20.45 13.03
N LYS A 44 -6.75 -20.71 12.19
CA LYS A 44 -6.76 -21.89 11.33
C LYS A 44 -6.49 -21.55 9.86
N GLU A 45 -6.25 -20.28 9.56
CA GLU A 45 -5.99 -19.86 8.19
C GLU A 45 -5.21 -18.55 8.20
N PHE A 46 -4.48 -18.32 7.11
CA PHE A 46 -3.80 -17.05 6.84
C PHE A 46 -4.13 -16.66 5.42
N PHE A 47 -4.51 -15.40 5.21
CA PHE A 47 -4.88 -14.88 3.90
C PHE A 47 -5.94 -15.76 3.22
N GLY A 48 -6.86 -16.27 4.04
CA GLY A 48 -7.97 -17.08 3.57
C GLY A 48 -7.62 -18.49 3.19
N GLU A 49 -6.35 -18.91 3.35
CA GLU A 49 -5.92 -20.25 2.97
C GLU A 49 -5.80 -21.10 4.22
N PRO A 50 -6.32 -22.32 4.21
CA PRO A 50 -6.22 -23.15 5.42
C PRO A 50 -4.76 -23.43 5.75
N LEU A 51 -4.51 -23.55 7.05
CA LEU A 51 -3.18 -23.81 7.56
C LEU A 51 -2.58 -25.08 6.95
N SER A 52 -3.43 -26.07 6.66
CA SER A 52 -2.97 -27.33 6.08
C SER A 52 -2.34 -27.13 4.71
N SER A 53 -2.67 -26.03 4.03
CA SER A 53 -2.10 -25.73 2.73
C SER A 53 -0.86 -24.85 2.80
N ILE A 54 -0.32 -24.60 4.00
CA ILE A 54 0.81 -23.68 4.17
C ILE A 54 1.95 -24.43 4.86
N ALA A 55 3.14 -24.36 4.27
CA ALA A 55 4.34 -24.87 4.89
C ALA A 55 4.94 -23.74 5.71
N ILE A 56 5.04 -23.93 7.01
CA ILE A 56 5.46 -22.86 7.92
C ILE A 56 6.75 -23.30 8.61
N HIS A 57 7.75 -22.41 8.59
CA HIS A 57 9.01 -22.60 9.30
C HIS A 57 9.27 -21.37 10.14
N GLN A 58 9.53 -21.56 11.43
CA GLN A 58 9.81 -20.47 12.36
C GLN A 58 11.01 -20.84 13.21
N ALA A 59 11.92 -19.88 13.41
CA ALA A 59 12.99 -20.05 14.38
C ALA A 59 13.58 -18.68 14.69
N GLY A 60 13.89 -18.43 15.96
CA GLY A 60 14.64 -17.23 16.34
C GLY A 60 14.06 -15.91 15.88
N GLU A 61 12.72 -15.78 15.91
CA GLU A 61 11.90 -14.62 15.54
C GLU A 61 11.73 -14.45 14.04
N PHE A 62 12.20 -15.38 13.22
CA PHE A 62 11.98 -15.33 11.78
C PHE A 62 10.92 -16.36 11.41
N THR A 63 9.87 -15.93 10.71
CA THR A 63 8.80 -16.82 10.27
C THR A 63 8.69 -16.77 8.75
N GLN A 64 8.60 -17.95 8.13
CA GLN A 64 8.39 -18.08 6.70
C GLN A 64 7.17 -18.94 6.44
N PHE A 65 6.29 -18.48 5.55
CA PHE A 65 5.16 -19.23 5.04
C PHE A 65 5.39 -19.52 3.56
N ARG A 66 5.12 -20.75 3.14
CA ARG A 66 5.04 -21.08 1.72
C ARG A 66 3.65 -21.62 1.43
N PHE A 67 2.86 -20.83 0.71
CA PHE A 67 1.51 -21.22 0.34
C PHE A 67 1.50 -22.17 -0.86
N SER A 68 0.47 -23.02 -0.91
CA SER A 68 0.25 -23.98 -2.00
C SER A 68 -0.29 -23.33 -3.25
N LYS A 69 -0.98 -22.22 -3.08
CA LYS A 69 -1.63 -21.45 -4.12
C LYS A 69 -0.80 -20.19 -4.32
N LYS A 70 -0.74 -19.70 -5.56
CA LYS A 70 -0.12 -18.40 -5.79
C LYS A 70 -1.01 -17.33 -5.19
N MET A 71 -0.47 -16.61 -4.22
CA MET A 71 -1.17 -15.55 -3.53
C MET A 71 -0.91 -14.20 -4.15
N ARG A 72 0.30 -13.98 -4.69
CA ARG A 72 0.67 -12.72 -5.34
C ARG A 72 1.29 -13.06 -6.69
N PRO A 73 0.48 -13.57 -7.62
CA PRO A 73 0.99 -13.98 -8.93
C PRO A 73 1.48 -12.83 -9.79
N ASP A 74 1.25 -11.59 -9.35
CA ASP A 74 1.80 -10.42 -10.02
C ASP A 74 3.28 -10.23 -9.74
N LEU A 75 3.83 -10.90 -8.72
CA LEU A 75 5.20 -10.66 -8.29
C LEU A 75 6.19 -11.62 -8.92
N THR A 76 7.40 -11.13 -9.17
CA THR A 76 8.55 -11.99 -9.40
C THR A 76 9.12 -12.46 -8.08
N GLY A 77 9.79 -13.60 -8.10
CA GLY A 77 10.47 -14.08 -6.90
C GLY A 77 11.75 -13.31 -6.69
N MET A 78 11.99 -12.89 -5.45
CA MET A 78 13.25 -12.26 -5.13
C MET A 78 14.09 -13.20 -4.29
N VAL A 79 15.36 -12.84 -4.15
CA VAL A 79 16.30 -13.63 -3.38
C VAL A 79 16.14 -13.28 -1.90
N LEU A 80 16.06 -14.29 -1.06
CA LEU A 80 16.03 -14.16 0.39
C LEU A 80 17.35 -14.72 0.88
N GLU A 81 18.12 -13.88 1.58
CA GLU A 81 19.40 -14.31 2.15
C GLU A 81 19.34 -14.20 3.67
N GLU A 82 20.24 -14.94 4.31
CA GLU A 82 20.38 -14.91 5.76
C GLU A 82 21.22 -13.71 6.15
N GLY A 83 20.55 -12.58 6.35
CA GLY A 83 21.28 -11.38 6.64
C GLY A 83 22.08 -10.94 5.43
N CYS A 84 22.93 -9.95 5.64
CA CYS A 84 23.73 -9.41 4.53
C CYS A 84 25.16 -9.20 5.02
N PRO A 85 26.12 -8.96 4.11
CA PRO A 85 27.48 -8.71 4.57
C PRO A 85 27.53 -7.50 5.48
N GLU A 86 28.37 -7.60 6.51
CA GLU A 86 28.53 -6.49 7.43
C GLU A 86 28.99 -5.26 6.66
N GLY A 87 28.38 -4.12 6.95
CA GLY A 87 28.67 -2.89 6.25
C GLY A 87 27.73 -2.57 5.12
N THR A 88 26.88 -3.51 4.72
CA THR A 88 25.89 -3.23 3.69
C THR A 88 24.90 -2.20 4.20
N VAL A 89 24.58 -1.23 3.36
CA VAL A 89 23.54 -0.26 3.68
C VAL A 89 22.23 -0.81 3.13
N CYS A 90 21.32 -1.17 4.03
CA CYS A 90 20.00 -1.63 3.64
C CYS A 90 19.01 -0.51 3.78
N SER A 91 17.82 -0.75 3.23
CA SER A 91 16.66 0.08 3.49
CA SER A 91 16.65 0.07 3.47
C SER A 91 15.65 -0.77 4.25
N VAL A 92 15.09 -0.21 5.31
CA VAL A 92 13.99 -0.85 6.03
C VAL A 92 12.73 -0.23 5.46
N LEU A 93 11.88 -1.05 4.83
CA LEU A 93 10.69 -0.52 4.16
C LEU A 93 9.52 -0.46 5.14
N ILE A 94 9.50 0.61 5.92
CA ILE A 94 8.46 0.81 6.93
C ILE A 94 7.23 1.44 6.30
N LYS A 95 6.11 0.77 6.43
CA LYS A 95 4.80 1.38 6.23
C LYS A 95 4.18 1.67 7.59
N ARG A 96 3.55 2.82 7.68
CA ARG A 96 2.75 3.13 8.85
C ARG A 96 1.26 2.90 8.54
N ASP A 97 0.48 2.72 9.60
CA ASP A 97 -0.97 2.52 9.48
C ASP A 97 -1.64 3.62 8.66
N SER A 98 -1.12 4.85 8.73
CA SER A 98 -1.66 5.96 7.94
C SER A 98 -1.44 5.78 6.45
N GLY A 99 -0.54 4.90 6.05
CA GLY A 99 -0.17 4.73 4.67
C GLY A 99 1.15 5.36 4.30
N GLU A 100 1.71 6.23 5.16
CA GLU A 100 3.02 6.80 4.90
C GLU A 100 4.08 5.72 4.70
N LEU A 101 4.94 5.94 3.71
CA LEU A 101 6.13 5.13 3.47
C LEU A 101 7.33 5.81 4.10
N LEU A 102 8.06 5.07 4.92
CA LEU A 102 9.21 5.61 5.66
C LEU A 102 10.40 4.68 5.44
N PRO A 103 11.04 4.76 4.27
CA PRO A 103 12.26 3.97 4.07
C PRO A 103 13.37 4.51 4.96
N LEU A 104 13.94 3.63 5.76
CA LEU A 104 15.02 4.04 6.66
C LEU A 104 16.31 3.39 6.19
N ALA A 105 17.33 4.20 5.99
CA ALA A 105 18.65 3.68 5.64
C ALA A 105 19.35 3.17 6.89
N VAL A 106 19.94 1.99 6.81
CA VAL A 106 20.59 1.35 7.96
CA VAL A 106 20.60 1.36 7.96
C VAL A 106 21.90 0.72 7.49
N ARG A 107 22.98 0.98 8.22
CA ARG A 107 24.25 0.31 7.97
C ARG A 107 24.30 -0.93 8.84
N MET A 108 24.37 -2.09 8.22
CA MET A 108 24.25 -3.33 8.98
C MET A 108 25.56 -3.76 9.60
N GLY A 109 25.44 -4.35 10.78
CA GLY A 109 26.57 -4.87 11.54
C GLY A 109 26.55 -6.39 11.58
N ALA A 110 26.80 -6.93 12.76
CA ALA A 110 27.04 -8.36 12.88
C ALA A 110 25.75 -9.17 12.98
N ILE A 111 25.74 -10.31 12.30
CA ILE A 111 24.76 -11.37 12.52
C ILE A 111 25.15 -12.12 13.78
N ALA A 112 24.20 -12.22 14.72
CA ALA A 112 24.49 -12.86 15.99
C ALA A 112 23.22 -13.38 16.62
N SER A 113 23.40 -14.31 17.54
CA SER A 113 22.34 -14.64 18.49
C SER A 113 22.30 -13.54 19.53
N MET A 114 21.13 -12.96 19.74
CA MET A 114 20.94 -11.86 20.69
C MET A 114 19.81 -12.24 21.63
N ARG A 115 19.82 -11.68 22.83
CA ARG A 115 18.65 -11.74 23.71
C ARG A 115 18.05 -10.35 23.85
N ILE A 116 16.76 -10.25 23.54
CA ILE A 116 16.05 -8.98 23.54
C ILE A 116 14.78 -9.17 24.33
N GLN A 117 14.64 -8.42 25.42
CA GLN A 117 13.51 -8.59 26.33
C GLN A 117 13.30 -10.06 26.70
N GLY A 118 14.40 -10.77 26.92
CA GLY A 118 14.36 -12.12 27.45
C GLY A 118 14.26 -13.21 26.41
N ARG A 119 13.98 -12.89 25.15
CA ARG A 119 13.77 -13.89 24.10
C ARG A 119 14.96 -13.93 23.14
N LEU A 120 15.30 -15.14 22.71
CA LEU A 120 16.43 -15.33 21.79
C LEU A 120 16.03 -14.91 20.38
N VAL A 121 16.86 -14.09 19.77
CA VAL A 121 16.63 -13.60 18.42
C VAL A 121 17.88 -13.91 17.62
N HIS A 122 17.73 -14.64 16.53
CA HIS A 122 18.83 -14.81 15.60
C HIS A 122 18.69 -13.65 14.62
N GLY A 123 19.59 -12.68 14.70
CA GLY A 123 19.32 -11.46 13.97
C GLY A 123 20.58 -10.76 13.55
N GLN A 124 20.40 -9.59 12.96
CA GLN A 124 21.50 -8.74 12.56
C GLN A 124 21.21 -7.33 13.04
N SER A 125 22.21 -6.71 13.68
CA SER A 125 22.09 -5.35 14.14
C SER A 125 22.45 -4.38 13.03
N GLY A 126 21.97 -3.17 13.16
CA GLY A 126 22.37 -2.12 12.24
C GLY A 126 22.21 -0.76 12.88
N MET A 127 22.86 0.22 12.29
CA MET A 127 22.81 1.60 12.76
C MET A 127 22.00 2.44 11.79
N LEU A 128 20.98 3.13 12.31
CA LEU A 128 20.21 4.05 11.48
C LEU A 128 21.08 5.21 11.04
N LEU A 129 20.98 5.55 9.76
CA LEU A 129 21.69 6.69 9.20
C LEU A 129 20.73 7.88 9.10
N THR A 130 21.31 9.07 9.13
CA THR A 130 20.52 10.29 9.01
C THR A 130 19.77 10.37 7.69
N GLY A 140 13.03 7.13 13.54
CA GLY A 140 13.27 5.81 14.11
C GLY A 140 12.10 4.86 13.93
N THR A 141 12.25 3.65 14.44
CA THR A 141 11.20 2.64 14.40
C THR A 141 10.38 2.67 15.69
N ILE A 142 9.12 2.22 15.58
CA ILE A 142 8.17 2.31 16.69
C ILE A 142 7.38 1.02 16.83
N PRO A 143 6.65 0.83 17.93
CA PRO A 143 5.76 -0.33 18.02
C PRO A 143 4.80 -0.31 16.85
N GLY A 144 4.57 -1.49 16.29
CA GLY A 144 3.80 -1.65 15.09
C GLY A 144 4.63 -1.87 13.83
N ASP A 145 5.93 -1.53 13.84
CA ASP A 145 6.78 -1.64 12.67
C ASP A 145 7.35 -3.03 12.47
N CYS A 146 7.18 -3.95 13.41
CA CYS A 146 7.87 -5.23 13.26
C CYS A 146 7.33 -6.01 12.08
N GLY A 147 8.24 -6.70 11.41
CA GLY A 147 7.92 -7.41 10.18
C GLY A 147 8.35 -6.70 8.92
N ALA A 148 8.63 -5.40 8.99
CA ALA A 148 9.04 -4.65 7.83
C ALA A 148 10.36 -5.21 7.30
N PRO A 149 10.51 -5.31 5.98
CA PRO A 149 11.70 -5.97 5.43
C PRO A 149 12.92 -5.07 5.37
N TYR A 150 14.07 -5.71 5.51
CA TYR A 150 15.37 -5.10 5.28
C TYR A 150 15.83 -5.55 3.92
N VAL A 151 16.03 -4.60 3.01
CA VAL A 151 16.35 -4.90 1.63
C VAL A 151 17.57 -4.13 1.17
N HIS A 152 18.20 -4.65 0.11
CA HIS A 152 19.28 -3.94 -0.55
C HIS A 152 19.32 -4.38 -2.01
N LYS A 153 19.82 -3.51 -2.85
CA LYS A 153 19.85 -3.79 -4.27
C LYS A 153 21.24 -4.25 -4.65
N ARG A 154 21.32 -5.41 -5.29
CA ARG A 154 22.58 -6.01 -5.69
C ARG A 154 22.49 -6.28 -7.19
N GLY A 155 23.22 -5.51 -7.98
CA GLY A 155 23.08 -5.62 -9.42
C GLY A 155 21.66 -5.29 -9.83
N ASN A 156 21.06 -6.17 -10.63
CA ASN A 156 19.72 -5.89 -11.15
C ASN A 156 18.62 -6.10 -10.11
N ASP A 157 18.88 -6.84 -9.05
CA ASP A 157 17.83 -7.41 -8.23
C ASP A 157 17.85 -6.87 -6.81
N TRP A 158 16.67 -6.66 -6.26
CA TRP A 158 16.53 -6.42 -4.85
C TRP A 158 16.59 -7.74 -4.11
N VAL A 159 17.27 -7.72 -2.97
CA VAL A 159 17.45 -8.86 -2.09
C VAL A 159 16.84 -8.49 -0.75
N VAL A 160 16.13 -9.43 -0.14
CA VAL A 160 15.59 -9.23 1.20
C VAL A 160 16.41 -10.09 2.16
N CYS A 161 16.76 -9.54 3.31
CA CYS A 161 17.66 -10.25 4.18
C CYS A 161 17.27 -10.27 5.64
N GLY A 162 16.16 -9.67 6.01
CA GLY A 162 15.66 -9.77 7.38
C GLY A 162 14.33 -9.09 7.50
N VAL A 163 13.74 -9.24 8.68
CA VAL A 163 12.47 -8.61 9.02
C VAL A 163 12.62 -7.88 10.35
N HIS A 164 12.05 -6.69 10.45
CA HIS A 164 12.31 -5.86 11.62
C HIS A 164 11.80 -6.52 12.90
N ALA A 165 12.64 -6.55 13.92
CA ALA A 165 12.29 -7.19 15.19
C ALA A 165 12.41 -6.33 16.45
N ALA A 166 13.33 -5.36 16.50
CA ALA A 166 13.63 -4.68 17.77
C ALA A 166 14.43 -3.42 17.51
N ALA A 167 14.44 -2.52 18.50
CA ALA A 167 15.34 -1.38 18.45
C ALA A 167 15.65 -0.95 19.86
N THR A 168 16.78 -0.28 20.03
CA THR A 168 17.14 0.30 21.31
C THR A 168 16.26 1.50 21.65
N ASN A 172 18.73 4.39 17.69
CA ASN A 172 19.96 4.46 16.91
C ASN A 172 20.30 3.10 16.30
N THR A 173 20.11 2.05 17.09
CA THR A 173 20.36 0.68 16.67
C THR A 173 19.05 -0.06 16.49
N VAL A 174 18.96 -0.82 15.40
CA VAL A 174 17.82 -1.65 15.09
C VAL A 174 18.31 -3.08 14.92
N VAL A 175 17.39 -4.03 15.06
CA VAL A 175 17.70 -5.45 14.83
C VAL A 175 16.63 -6.02 13.91
N CYS A 176 17.06 -6.74 12.88
CA CYS A 176 16.17 -7.58 12.10
C CYS A 176 16.41 -9.04 12.43
N ALA A 177 15.33 -9.83 12.46
CA ALA A 177 15.47 -11.27 12.54
C ALA A 177 15.87 -11.78 11.18
N VAL A 178 16.73 -12.78 11.14
CA VAL A 178 17.20 -13.37 9.89
C VAL A 178 16.97 -14.87 9.93
N GLN A 179 16.85 -15.45 8.75
CA GLN A 179 16.62 -16.87 8.63
C GLN A 179 17.90 -17.62 8.95
N ALA A 180 17.77 -18.71 9.70
CA ALA A 180 18.91 -19.60 9.93
C ALA A 180 19.04 -20.60 8.79
N MET B 7 4.95 7.08 -14.92
CA MET B 7 4.92 6.04 -13.85
C MET B 7 4.71 6.68 -12.48
N ALA B 8 3.67 6.25 -11.78
CA ALA B 8 3.34 6.84 -10.51
C ALA B 8 4.39 6.45 -9.48
N PRO B 9 4.98 7.40 -8.75
CA PRO B 9 6.00 7.07 -7.76
C PRO B 9 5.39 6.45 -6.52
N PRO B 10 6.20 5.83 -5.67
CA PRO B 10 5.67 5.26 -4.41
C PRO B 10 4.85 6.23 -3.58
N THR B 11 5.26 7.50 -3.44
CA THR B 11 4.51 8.43 -2.59
C THR B 11 3.10 8.63 -3.13
N LEU B 12 2.95 8.66 -4.44
CA LEU B 12 1.63 8.82 -5.04
C LEU B 12 0.77 7.59 -4.78
N TRP B 13 1.33 6.39 -4.97
CA TRP B 13 0.60 5.18 -4.57
C TRP B 13 0.21 5.20 -3.10
N SER B 14 1.08 5.75 -2.24
CA SER B 14 0.81 5.74 -0.80
C SER B 14 -0.38 6.60 -0.41
N ARG B 15 -0.84 7.47 -1.33
CA ARG B 15 -2.05 8.24 -1.11
C ARG B 15 -3.31 7.40 -1.23
N VAL B 16 -3.24 6.30 -1.98
CA VAL B 16 -4.38 5.43 -2.18
C VAL B 16 -4.54 4.58 -0.93
N THR B 17 -5.72 4.66 -0.33
CA THR B 17 -5.96 4.18 1.03
C THR B 17 -7.23 3.35 1.11
N LYS B 18 -7.17 2.21 1.77
CA LYS B 18 -8.35 1.39 1.97
C LYS B 18 -9.36 2.14 2.80
N PHE B 19 -10.62 2.08 2.36
CA PHE B 19 -11.64 2.87 3.03
C PHE B 19 -12.99 2.22 2.78
N GLY B 20 -13.68 1.86 3.84
CA GLY B 20 -15.02 1.33 3.66
C GLY B 20 -14.96 0.11 2.76
N SER B 21 -15.87 0.07 1.78
CA SER B 21 -15.94 -1.03 0.83
C SER B 21 -15.07 -0.80 -0.40
N GLY B 22 -14.17 0.16 -0.33
CA GLY B 22 -13.31 0.46 -1.45
C GLY B 22 -12.07 1.19 -1.00
N TRP B 23 -11.80 2.33 -1.63
CA TRP B 23 -10.57 3.08 -1.50
C TRP B 23 -10.90 4.55 -1.47
N GLY B 24 -9.94 5.35 -1.00
CA GLY B 24 -9.96 6.76 -1.24
C GLY B 24 -8.57 7.28 -1.43
N PHE B 25 -8.41 8.59 -1.49
CA PHE B 25 -7.15 9.17 -1.94
C PHE B 25 -6.87 10.44 -1.16
N TRP B 26 -5.66 10.50 -0.58
CA TRP B 26 -5.20 11.72 0.11
C TRP B 26 -4.73 12.72 -0.92
N VAL B 27 -5.53 13.74 -1.18
CA VAL B 27 -5.13 14.85 -2.04
C VAL B 27 -4.05 15.69 -1.38
N SER B 28 -4.09 15.79 -0.05
CA SER B 28 -3.17 16.65 0.67
C SER B 28 -3.10 16.13 2.09
N PRO B 29 -2.32 16.73 2.97
CA PRO B 29 -2.27 16.22 4.35
C PRO B 29 -3.61 16.22 5.04
N THR B 30 -4.58 17.06 4.62
CA THR B 30 -5.85 17.16 5.30
C THR B 30 -7.08 16.81 4.48
N VAL B 31 -6.94 16.56 3.18
CA VAL B 31 -8.10 16.32 2.33
C VAL B 31 -8.05 14.92 1.74
N PHE B 32 -9.17 14.21 1.89
CA PHE B 32 -9.36 12.83 1.44
C PHE B 32 -10.58 12.78 0.55
N ILE B 33 -10.48 12.12 -0.60
CA ILE B 33 -11.59 12.01 -1.52
C ILE B 33 -11.92 10.55 -1.77
N THR B 34 -13.18 10.28 -2.03
CA THR B 34 -13.62 8.91 -2.29
C THR B 34 -14.95 8.99 -3.01
N THR B 35 -15.48 7.82 -3.38
CA THR B 35 -16.78 7.73 -4.01
C THR B 35 -17.82 7.51 -2.91
N THR B 36 -18.92 8.27 -2.97
CA THR B 36 -19.88 8.30 -1.87
C THR B 36 -20.38 6.92 -1.45
N HIS B 37 -20.66 6.05 -2.41
CA HIS B 37 -21.26 4.78 -2.06
C HIS B 37 -20.31 3.83 -1.34
N VAL B 38 -18.99 4.12 -1.30
CA VAL B 38 -18.10 3.27 -0.51
C VAL B 38 -17.96 3.76 0.93
N VAL B 39 -18.42 4.97 1.25
CA VAL B 39 -18.26 5.48 2.61
C VAL B 39 -19.03 4.57 3.58
N PRO B 40 -18.40 4.06 4.64
CA PRO B 40 -19.13 3.24 5.61
C PRO B 40 -20.25 4.01 6.24
N THR B 41 -21.42 3.36 6.35
CA THR B 41 -22.57 3.92 7.04
C THR B 41 -22.48 3.58 8.52
N GLY B 42 -22.87 4.54 9.35
CA GLY B 42 -23.05 4.30 10.77
C GLY B 42 -21.81 4.28 11.61
N VAL B 43 -20.63 4.56 11.06
CA VAL B 43 -19.42 4.68 11.87
C VAL B 43 -19.37 6.05 12.53
N LYS B 44 -18.60 6.15 13.61
CA LYS B 44 -18.45 7.40 14.36
C LYS B 44 -17.13 8.10 14.11
N GLU B 45 -16.18 7.45 13.43
CA GLU B 45 -14.89 8.07 13.19
C GLU B 45 -14.32 7.56 11.88
N PHE B 46 -13.47 8.38 11.29
CA PHE B 46 -12.65 8.00 10.15
C PHE B 46 -11.19 8.27 10.49
N PHE B 47 -10.33 7.26 10.28
CA PHE B 47 -8.89 7.39 10.54
C PHE B 47 -8.63 7.87 11.96
N GLY B 48 -9.47 7.42 12.89
CA GLY B 48 -9.33 7.75 14.29
C GLY B 48 -9.87 9.11 14.69
N GLU B 49 -10.42 9.88 13.75
CA GLU B 49 -10.95 11.21 14.06
C GLU B 49 -12.47 11.18 14.08
N PRO B 50 -13.12 11.81 15.06
CA PRO B 50 -14.59 11.81 15.09
C PRO B 50 -15.17 12.61 13.95
N LEU B 51 -16.37 12.24 13.52
CA LEU B 51 -17.00 12.90 12.37
C LEU B 51 -17.19 14.38 12.61
N SER B 52 -17.48 14.78 13.85
CA SER B 52 -17.69 16.18 14.16
C SER B 52 -16.44 17.02 13.89
N SER B 53 -15.28 16.39 13.78
CA SER B 53 -14.04 17.10 13.47
C SER B 53 -13.73 17.11 11.98
N ILE B 54 -14.62 16.58 11.14
CA ILE B 54 -14.40 16.45 9.70
C ILE B 54 -15.43 17.30 8.97
N ALA B 55 -14.97 18.10 8.01
CA ALA B 55 -15.87 18.82 7.10
C ALA B 55 -16.10 17.94 5.88
N ILE B 56 -17.35 17.57 5.66
CA ILE B 56 -17.71 16.59 4.64
C ILE B 56 -18.56 17.28 3.58
N HIS B 57 -18.18 17.14 2.31
CA HIS B 57 -18.91 17.67 1.18
C HIS B 57 -19.11 16.52 0.19
N GLN B 58 -20.35 16.31 -0.21
CA GLN B 58 -20.70 15.17 -1.05
C GLN B 58 -21.72 15.62 -2.09
N ALA B 59 -21.53 15.18 -3.33
CA ALA B 59 -22.53 15.37 -4.37
C ALA B 59 -22.19 14.51 -5.59
N GLY B 60 -23.23 13.98 -6.24
CA GLY B 60 -23.03 13.29 -7.50
C GLY B 60 -22.05 12.14 -7.44
N GLU B 61 -21.95 11.49 -6.28
CA GLU B 61 -21.11 10.33 -5.98
C GLU B 61 -19.67 10.71 -5.69
N PHE B 62 -19.35 11.99 -5.58
CA PHE B 62 -18.02 12.44 -5.16
C PHE B 62 -18.10 12.92 -3.72
N THR B 63 -17.23 12.37 -2.86
CA THR B 63 -17.17 12.75 -1.45
C THR B 63 -15.80 13.31 -1.13
N GLN B 64 -15.78 14.44 -0.42
CA GLN B 64 -14.53 15.01 0.07
C GLN B 64 -14.62 15.18 1.58
N PHE B 65 -13.57 14.76 2.28
CA PHE B 65 -13.43 14.98 3.71
C PHE B 65 -12.30 15.96 3.91
N ARG B 66 -12.49 16.94 4.77
CA ARG B 66 -11.43 17.86 5.16
C ARG B 66 -11.27 17.75 6.66
N PHE B 67 -10.12 17.22 7.08
CA PHE B 67 -9.81 16.97 8.47
C PHE B 67 -9.26 18.23 9.14
N SER B 68 -9.38 18.26 10.45
CA SER B 68 -8.98 19.41 11.26
C SER B 68 -7.51 19.37 11.68
N LYS B 69 -6.79 18.32 11.35
CA LYS B 69 -5.37 18.21 11.61
C LYS B 69 -4.71 17.55 10.42
N LYS B 70 -3.40 17.68 10.34
CA LYS B 70 -2.62 17.02 9.29
C LYS B 70 -2.61 15.51 9.56
N MET B 71 -3.37 14.77 8.74
CA MET B 71 -3.47 13.31 8.81
C MET B 71 -2.33 12.64 8.06
N ARG B 72 -1.83 13.28 7.00
CA ARG B 72 -0.75 12.76 6.17
C ARG B 72 0.26 13.86 5.94
N PRO B 73 0.97 14.28 6.99
CA PRO B 73 1.94 15.36 6.84
C PRO B 73 3.12 15.01 5.96
N ASP B 74 3.30 13.74 5.60
CA ASP B 74 4.33 13.35 4.66
C ASP B 74 4.01 13.78 3.24
N LEU B 75 2.78 14.22 2.98
CA LEU B 75 2.32 14.56 1.65
C LEU B 75 2.36 16.06 1.40
N THR B 76 2.54 16.42 0.13
CA THR B 76 2.25 17.74 -0.37
C THR B 76 0.84 17.75 -0.96
N GLY B 77 0.25 18.94 -1.02
CA GLY B 77 -1.04 19.08 -1.67
C GLY B 77 -0.87 18.99 -3.19
N MET B 78 -1.74 18.21 -3.83
CA MET B 78 -1.75 18.14 -5.29
C MET B 78 -3.04 18.75 -5.79
N VAL B 79 -3.01 19.09 -7.08
CA VAL B 79 -4.16 19.74 -7.71
C VAL B 79 -5.27 18.73 -7.88
N LEU B 80 -6.49 19.11 -7.48
CA LEU B 80 -7.72 18.37 -7.74
C LEU B 80 -8.55 19.20 -8.69
N GLU B 81 -8.91 18.60 -9.83
CA GLU B 81 -9.68 19.28 -10.86
C GLU B 81 -10.98 18.53 -11.10
N GLU B 82 -11.96 19.25 -11.65
CA GLU B 82 -13.26 18.64 -11.92
C GLU B 82 -13.15 17.91 -13.25
N GLY B 83 -12.74 16.66 -13.19
CA GLY B 83 -12.51 15.90 -14.41
C GLY B 83 -11.29 16.46 -15.13
N CYS B 84 -11.15 16.04 -16.37
CA CYS B 84 -10.02 16.47 -17.19
C CYS B 84 -10.49 16.68 -18.62
N PRO B 85 -9.70 17.34 -19.46
CA PRO B 85 -10.10 17.54 -20.84
C PRO B 85 -10.34 16.20 -21.51
N GLU B 86 -11.35 16.18 -22.38
CA GLU B 86 -11.60 14.99 -23.19
C GLU B 86 -10.34 14.60 -23.94
N GLY B 87 -10.05 13.30 -23.97
CA GLY B 87 -8.86 12.81 -24.62
C GLY B 87 -7.65 12.66 -23.73
N THR B 88 -7.66 13.22 -22.53
CA THR B 88 -6.57 13.01 -21.60
C THR B 88 -6.44 11.52 -21.33
N VAL B 89 -5.21 11.02 -21.38
CA VAL B 89 -4.91 9.67 -20.93
C VAL B 89 -4.59 9.73 -19.45
N CYS B 90 -5.47 9.16 -18.64
CA CYS B 90 -5.27 9.08 -17.20
C CYS B 90 -4.78 7.68 -16.82
N SER B 91 -4.35 7.56 -15.56
CA SER B 91 -4.06 6.29 -14.92
CA SER B 91 -4.07 6.29 -14.92
C SER B 91 -5.02 6.14 -13.75
N VAL B 92 -5.69 5.00 -13.65
CA VAL B 92 -6.51 4.69 -12.49
C VAL B 92 -5.60 3.93 -11.54
N LEU B 93 -5.32 4.50 -10.36
CA LEU B 93 -4.37 3.88 -9.43
C LEU B 93 -5.11 2.88 -8.56
N ILE B 94 -5.27 1.67 -9.09
CA ILE B 94 -6.00 0.63 -8.39
CA ILE B 94 -5.99 0.60 -8.42
C ILE B 94 -5.04 -0.14 -7.49
N LYS B 95 -5.42 -0.24 -6.22
CA LYS B 95 -4.84 -1.20 -5.31
C LYS B 95 -5.85 -2.31 -5.11
N ARG B 96 -5.37 -3.54 -5.03
CA ARG B 96 -6.22 -4.68 -4.73
C ARG B 96 -6.01 -5.08 -3.27
N ASP B 97 -6.98 -5.83 -2.71
CA ASP B 97 -6.89 -6.26 -1.32
C ASP B 97 -5.63 -7.11 -1.04
N SER B 98 -5.12 -7.82 -2.06
CA SER B 98 -3.88 -8.58 -1.91
C SER B 98 -2.65 -7.70 -1.79
N GLY B 99 -2.76 -6.40 -2.14
CA GLY B 99 -1.64 -5.51 -2.18
C GLY B 99 -1.13 -5.18 -3.58
N GLU B 100 -1.54 -5.94 -4.58
CA GLU B 100 -1.12 -5.67 -5.94
C GLU B 100 -1.51 -4.27 -6.37
N LEU B 101 -0.58 -3.62 -7.07
CA LEU B 101 -0.83 -2.32 -7.70
C LEU B 101 -1.16 -2.55 -9.16
N LEU B 102 -2.23 -1.93 -9.64
CA LEU B 102 -2.73 -2.13 -11.00
C LEU B 102 -3.05 -0.78 -11.62
N PRO B 103 -2.05 -0.07 -12.14
CA PRO B 103 -2.34 1.20 -12.82
C PRO B 103 -3.00 0.89 -14.16
N LEU B 104 -4.19 1.40 -14.37
CA LEU B 104 -4.89 1.17 -15.63
C LEU B 104 -4.91 2.44 -16.45
N ALA B 105 -4.42 2.37 -17.68
CA ALA B 105 -4.49 3.49 -18.60
C ALA B 105 -5.89 3.60 -19.19
N VAL B 106 -6.41 4.84 -19.25
CA VAL B 106 -7.77 5.13 -19.67
CA VAL B 106 -7.77 5.12 -19.70
C VAL B 106 -7.75 6.42 -20.49
N ARG B 107 -8.36 6.39 -21.67
CA ARG B 107 -8.57 7.61 -22.46
C ARG B 107 -9.92 8.21 -22.06
N MET B 108 -9.89 9.41 -21.51
CA MET B 108 -11.12 10.00 -20.96
C MET B 108 -11.98 10.64 -22.04
N GLY B 109 -13.30 10.52 -21.85
CA GLY B 109 -14.29 11.11 -22.73
C GLY B 109 -14.95 12.28 -22.07
N ALA B 110 -16.24 12.46 -22.31
CA ALA B 110 -16.93 13.65 -21.85
C ALA B 110 -17.39 13.55 -20.40
N ILE B 111 -17.41 14.70 -19.73
CA ILE B 111 -18.06 14.85 -18.43
C ILE B 111 -19.56 14.88 -18.65
N ALA B 112 -20.32 14.12 -17.86
CA ALA B 112 -21.76 14.09 -18.04
C ALA B 112 -22.44 13.68 -16.75
N SER B 113 -23.70 14.08 -16.63
CA SER B 113 -24.58 13.48 -15.64
C SER B 113 -25.03 12.11 -16.13
N MET B 114 -25.05 11.14 -15.23
CA MET B 114 -25.32 9.75 -15.55
C MET B 114 -26.21 9.14 -14.47
N ARG B 115 -27.16 8.31 -14.89
CA ARG B 115 -27.99 7.53 -13.98
C ARG B 115 -27.42 6.12 -13.94
N ILE B 116 -26.84 5.72 -12.81
CA ILE B 116 -26.18 4.43 -12.69
C ILE B 116 -26.81 3.70 -11.50
N GLN B 117 -27.42 2.55 -11.78
CA GLN B 117 -28.17 1.79 -10.79
C GLN B 117 -29.04 2.70 -9.94
N GLY B 118 -29.77 3.59 -10.63
CA GLY B 118 -30.76 4.46 -10.01
C GLY B 118 -30.24 5.76 -9.42
N ARG B 119 -28.92 5.94 -9.30
CA ARG B 119 -28.34 7.09 -8.63
C ARG B 119 -27.72 8.05 -9.62
N LEU B 120 -27.75 9.33 -9.29
CA LEU B 120 -27.16 10.37 -10.12
C LEU B 120 -25.67 10.45 -9.87
N VAL B 121 -24.88 10.31 -10.94
CA VAL B 121 -23.43 10.42 -10.88
C VAL B 121 -23.05 11.61 -11.75
N HIS B 122 -22.27 12.54 -11.18
CA HIS B 122 -21.61 13.58 -11.96
C HIS B 122 -20.27 12.97 -12.31
N GLY B 123 -20.11 12.56 -13.55
CA GLY B 123 -19.04 11.66 -13.88
C GLY B 123 -18.36 12.00 -15.19
N GLN B 124 -17.31 11.21 -15.46
CA GLN B 124 -16.59 11.26 -16.71
C GLN B 124 -16.31 9.82 -17.11
N SER B 125 -16.65 9.48 -18.34
CA SER B 125 -16.36 8.13 -18.81
C SER B 125 -14.97 8.09 -19.43
N GLY B 126 -14.45 6.87 -19.53
CA GLY B 126 -13.21 6.65 -20.26
C GLY B 126 -13.17 5.24 -20.80
N MET B 127 -12.32 5.06 -21.80
CA MET B 127 -12.11 3.77 -22.43
C MET B 127 -10.77 3.23 -21.98
N LEU B 128 -10.79 2.02 -21.43
CA LEU B 128 -9.55 1.38 -21.00
C LEU B 128 -8.70 1.09 -22.22
N LEU B 129 -7.39 1.36 -22.10
CA LEU B 129 -6.42 1.09 -23.14
C LEU B 129 -5.64 -0.18 -22.82
N THR B 130 -5.02 -0.76 -23.85
CA THR B 130 -4.32 -2.04 -23.68
C THR B 130 -2.98 -1.90 -22.97
N LEU B 139 -6.63 -5.74 -19.02
CA LEU B 139 -7.06 -5.70 -17.63
C LEU B 139 -8.37 -4.92 -17.48
N GLY B 140 -8.99 -5.05 -16.30
CA GLY B 140 -10.28 -4.46 -16.04
C GLY B 140 -10.44 -4.16 -14.56
N THR B 141 -11.55 -3.50 -14.22
CA THR B 141 -11.90 -3.17 -12.85
C THR B 141 -12.90 -4.16 -12.27
N ILE B 142 -12.99 -4.17 -10.94
CA ILE B 142 -13.82 -5.12 -10.19
C ILE B 142 -14.55 -4.40 -9.07
N PRO B 143 -15.53 -5.05 -8.43
CA PRO B 143 -16.33 -4.34 -7.42
C PRO B 143 -15.54 -3.67 -6.29
N GLY B 144 -14.45 -4.25 -5.83
CA GLY B 144 -13.78 -3.58 -4.73
C GLY B 144 -12.93 -2.39 -5.07
N ASP B 145 -12.94 -1.94 -6.32
CA ASP B 145 -12.00 -0.92 -6.79
C ASP B 145 -12.55 0.49 -6.66
N CYS B 146 -13.80 0.67 -6.23
CA CYS B 146 -14.33 2.03 -6.23
C CYS B 146 -13.60 2.91 -5.23
N GLY B 147 -13.49 4.18 -5.61
CA GLY B 147 -12.70 5.16 -4.89
C GLY B 147 -11.27 5.34 -5.39
N ALA B 148 -10.76 4.44 -6.23
CA ALA B 148 -9.42 4.59 -6.74
C ALA B 148 -9.32 5.87 -7.55
N PRO B 149 -8.22 6.59 -7.46
CA PRO B 149 -8.16 7.89 -8.13
C PRO B 149 -7.81 7.78 -9.62
N TYR B 150 -8.32 8.73 -10.39
CA TYR B 150 -7.92 8.94 -11.78
C TYR B 150 -6.94 10.11 -11.77
N VAL B 151 -5.72 9.88 -12.23
CA VAL B 151 -4.65 10.86 -12.19
C VAL B 151 -4.03 10.99 -13.57
N HIS B 152 -3.41 12.14 -13.80
CA HIS B 152 -2.60 12.36 -14.97
C HIS B 152 -1.46 13.29 -14.60
N LYS B 153 -0.36 13.19 -15.33
CA LYS B 153 0.82 13.99 -15.05
C LYS B 153 0.83 15.18 -15.98
N ARG B 154 0.94 16.37 -15.40
CA ARG B 154 0.96 17.63 -16.14
C ARG B 154 2.25 18.33 -15.78
N GLY B 155 3.17 18.42 -16.74
CA GLY B 155 4.49 18.94 -16.41
C GLY B 155 5.17 17.96 -15.49
N ASN B 156 5.67 18.46 -14.36
CA ASN B 156 6.25 17.61 -13.33
C ASN B 156 5.27 17.32 -12.21
N ASP B 157 4.01 17.72 -12.36
CA ASP B 157 3.01 17.63 -11.31
C ASP B 157 1.96 16.59 -11.68
N TRP B 158 1.53 15.82 -10.69
CA TRP B 158 0.37 14.95 -10.87
C TRP B 158 -0.91 15.67 -10.44
N VAL B 159 -1.96 15.44 -11.21
CA VAL B 159 -3.27 16.01 -11.00
C VAL B 159 -4.24 14.86 -10.77
N VAL B 160 -5.12 14.99 -9.79
CA VAL B 160 -6.18 14.01 -9.60
C VAL B 160 -7.48 14.66 -10.08
N CYS B 161 -8.30 13.87 -10.76
CA CYS B 161 -9.48 14.45 -11.38
C CYS B 161 -10.75 13.64 -11.20
N GLY B 162 -10.72 12.51 -10.51
CA GLY B 162 -11.93 11.73 -10.29
C GLY B 162 -11.61 10.54 -9.42
N VAL B 163 -12.67 9.87 -8.98
CA VAL B 163 -12.58 8.66 -8.18
C VAL B 163 -13.45 7.58 -8.85
N HIS B 164 -12.97 6.35 -8.86
CA HIS B 164 -13.64 5.32 -9.62
C HIS B 164 -15.04 5.02 -9.07
N ALA B 165 -16.03 4.96 -9.98
CA ALA B 165 -17.41 4.76 -9.55
C ALA B 165 -18.13 3.59 -10.19
N ALA B 166 -17.80 3.24 -11.43
CA ALA B 166 -18.64 2.30 -12.19
C ALA B 166 -17.92 1.83 -13.44
N ALA B 167 -18.47 0.79 -14.07
CA ALA B 167 -18.02 0.36 -15.39
C ALA B 167 -19.23 -0.13 -16.15
N THR B 168 -19.16 -0.11 -17.48
CA THR B 168 -20.24 -0.62 -18.29
C THR B 168 -20.28 -2.15 -18.19
N LYS B 169 -21.31 -2.73 -18.78
CA LYS B 169 -21.51 -4.18 -18.68
C LYS B 169 -20.34 -4.94 -19.29
N SER B 170 -19.75 -4.41 -20.36
CA SER B 170 -18.61 -5.05 -20.99
C SER B 170 -17.34 -4.92 -20.15
N GLY B 171 -17.23 -3.86 -19.35
CA GLY B 171 -16.02 -3.54 -18.64
C GLY B 171 -15.07 -2.63 -19.38
N ASN B 172 -15.27 -2.44 -20.70
CA ASN B 172 -14.30 -1.70 -21.51
C ASN B 172 -14.35 -0.21 -21.23
N THR B 173 -15.49 0.28 -20.74
CA THR B 173 -15.66 1.69 -20.37
C THR B 173 -15.80 1.78 -18.86
N VAL B 174 -15.10 2.76 -18.29
CA VAL B 174 -15.14 3.03 -16.86
C VAL B 174 -15.67 4.45 -16.65
N VAL B 175 -16.14 4.70 -15.43
CA VAL B 175 -16.69 6.01 -15.05
C VAL B 175 -16.07 6.41 -13.72
N CYS B 176 -15.56 7.64 -13.66
CA CYS B 176 -15.19 8.24 -12.37
C CYS B 176 -16.20 9.31 -12.01
N ALA B 177 -16.44 9.47 -10.71
CA ALA B 177 -17.19 10.61 -10.23
C ALA B 177 -16.22 11.78 -10.14
N VAL B 178 -16.74 12.98 -10.42
CA VAL B 178 -15.92 14.18 -10.40
C VAL B 178 -16.57 15.20 -9.48
N GLN B 179 -15.76 16.10 -8.96
CA GLN B 179 -16.22 17.10 -8.02
C GLN B 179 -16.91 18.24 -8.76
N ALA B 180 -18.04 18.70 -8.21
CA ALA B 180 -18.76 19.81 -8.81
C ALA B 180 -18.06 21.12 -8.48
O01 M40 C . 12.38 -3.77 20.62
C02 M40 C . 12.08 -4.38 21.65
O03 M40 C . 12.70 -4.09 22.86
C04 M40 C . 13.40 -2.90 23.08
N11 M40 C . 11.19 -5.54 21.72
C12 M40 C . 10.54 -5.96 20.51
C13 M40 C . 9.74 -7.21 20.78
C14 M40 C . 10.49 -8.46 21.28
C15 M40 C . 9.44 -9.48 21.56
C16 M40 C . 9.99 -10.88 21.75
C17 M40 C . 10.91 -11.26 20.66
C18 M40 C . 12.01 -10.24 20.43
C19 M40 C . 11.49 -8.86 20.21
C20 M40 C . 9.62 -4.92 20.00
N21 M40 C . 9.57 -4.76 18.58
C22 M40 C . 8.68 -3.82 17.94
C23 M40 C . 9.48 -2.71 17.37
C24 M40 C . 10.32 -1.87 18.39
C25 M40 C . 9.43 -1.20 19.41
C26 M40 C . 10.20 0.06 19.78
N27 M40 C . 11.01 0.39 18.58
C28 M40 C . 11.06 -0.78 17.74
O29 M40 C . 11.65 -0.78 16.69
O31 M40 C . 6.92 -5.39 17.40
O32 M40 C . 8.90 -4.27 20.74
C30 M40 C . 7.88 -4.52 16.85
O01 M40 D . -20.76 -0.12 -11.99
C02 M40 D . -21.96 -0.17 -11.65
O03 M40 D . -22.87 -0.89 -12.41
C04 M40 D . -22.43 -1.59 -13.54
C05 M40 D . -21.85 -2.97 -13.33
C06 M40 D . -22.04 -3.63 -12.11
C07 M40 D . -21.50 -4.91 -11.92
C08 M40 D . -20.79 -5.52 -12.93
C09 M40 D . -20.60 -4.85 -14.15
C10 M40 D . -21.14 -3.58 -14.35
N11 M40 D . -22.38 0.00 -10.25
C12 M40 D . -21.41 0.64 -9.40
C13 M40 D . -22.12 1.10 -8.15
C14 M40 D . -23.14 2.26 -8.24
C15 M40 D . -23.79 2.42 -6.90
C16 M40 D . -24.61 3.68 -6.81
C17 M40 D . -23.86 4.89 -7.22
C18 M40 D . -23.28 4.73 -8.61
C19 M40 D . -22.43 3.52 -8.70
C20 M40 D . -20.38 -0.33 -9.01
N21 M40 D . -19.07 0.19 -8.84
C22 M40 D . -17.98 -0.66 -8.40
C23 M40 D . -16.99 -0.88 -9.50
C24 M40 D . -17.56 -1.57 -10.80
C25 M40 D . -18.16 -2.91 -10.49
C26 M40 D . -17.88 -3.76 -11.72
N27 M40 D . -16.71 -3.14 -12.37
C28 M40 D . -16.51 -1.82 -11.82
O29 M40 D . -15.62 -1.11 -12.20
O31 M40 D . -18.19 -0.10 -6.12
O32 M40 D . -20.66 -1.50 -8.81
C30 M40 D . -17.31 -0.06 -7.20
#